data_7R0B
#
_entry.id   7R0B
#
_cell.length_a   94.228
_cell.length_b   94.228
_cell.length_c   33.265
_cell.angle_alpha   90.000
_cell.angle_beta   90.000
_cell.angle_gamma   120.000
#
_symmetry.space_group_name_H-M   'P 31 2 1'
#
loop_
_entity.id
_entity.type
_entity.pdbx_description
1 polymer 'Bromodomain adjacent to zinc finger domain protein 2A'
2 non-polymer 1,2-ETHANEDIOL
3 non-polymer 1-[4-ethyl-2-methyl-5-(2-piperazin-1-yl-1,3-thiazol-4-yl)-1~{H}-pyrrol-3-yl]ethanone
4 non-polymer 'MAGNESIUM ION'
5 water water
#
_entity_poly.entity_id   1
_entity_poly.type   'polypeptide(L)'
_entity_poly.pdbx_seq_one_letter_code
;SMHSDLTFCEIILMEMESHDAAWPFLEPVNPRLVSGYRRIIKNPMDFSTMRHRLSRGGYTSSEEFAADALLVFDNCQTFN
EDDSEVGKAGHIMRRFFESRWEEFY
;
_entity_poly.pdbx_strand_id   A
#
# COMPACT_ATOMS: atom_id res chain seq x y z
N MET A 2 8.45 14.74 -13.71
CA MET A 2 7.11 14.18 -13.93
C MET A 2 7.21 12.75 -14.47
N HIS A 3 7.74 12.63 -15.70
CA HIS A 3 8.02 11.31 -16.26
C HIS A 3 8.95 10.52 -15.35
N SER A 4 9.99 11.18 -14.84
CA SER A 4 10.87 10.53 -13.87
C SER A 4 10.09 10.14 -12.62
N ASP A 5 9.22 11.04 -12.13
CA ASP A 5 8.48 10.76 -10.90
C ASP A 5 7.59 9.53 -11.06
N LEU A 6 6.88 9.44 -12.19
CA LEU A 6 5.87 8.40 -12.32
C LEU A 6 6.45 7.05 -12.73
N THR A 7 7.57 7.04 -13.46
CA THR A 7 8.17 5.76 -13.82
C THR A 7 8.72 5.03 -12.59
N PHE A 8 9.18 5.77 -11.58
CA PHE A 8 9.63 5.12 -10.36
C PHE A 8 8.46 4.44 -9.66
N CYS A 9 7.30 5.09 -9.62
CA CYS A 9 6.13 4.52 -8.96
C CYS A 9 5.70 3.22 -9.61
N GLU A 10 5.76 3.17 -10.95
CA GLU A 10 5.50 1.92 -11.66
C GLU A 10 6.44 0.81 -11.19
N ILE A 11 7.74 1.11 -11.13
CA ILE A 11 8.71 0.12 -10.68
C ILE A 11 8.38 -0.34 -9.26
N ILE A 12 8.15 0.61 -8.36
CA ILE A 12 7.88 0.26 -6.97
C ILE A 12 6.58 -0.53 -6.85
N LEU A 13 5.53 -0.11 -7.57
CA LEU A 13 4.25 -0.77 -7.40
C LEU A 13 4.30 -2.19 -7.97
N MET A 14 4.98 -2.38 -9.09
CA MET A 14 5.16 -3.71 -9.64
C MET A 14 5.92 -4.60 -8.67
N GLU A 15 6.92 -4.05 -7.98
CA GLU A 15 7.70 -4.88 -7.07
C GLU A 15 6.91 -5.17 -5.80
N MET A 16 6.04 -4.27 -5.37
CA MET A 16 5.21 -4.61 -4.22
C MET A 16 4.12 -5.59 -4.61
N GLU A 17 3.49 -5.40 -5.78
CA GLU A 17 2.47 -6.34 -6.23
C GLU A 17 3.00 -7.78 -6.27
N SER A 18 4.26 -7.95 -6.67
CA SER A 18 4.81 -9.30 -6.81
C SER A 18 5.53 -9.79 -5.56
N HIS A 19 5.60 -8.99 -4.50
CA HIS A 19 6.31 -9.40 -3.29
C HIS A 19 5.58 -10.56 -2.60
N ASP A 20 6.36 -11.46 -1.99
CA ASP A 20 5.77 -12.56 -1.20
C ASP A 20 4.84 -12.06 -0.11
N ALA A 21 5.19 -10.95 0.53
CA ALA A 21 4.40 -10.49 1.67
C ALA A 21 3.25 -9.57 1.26
N ALA A 22 2.96 -9.46 -0.03
CA ALA A 22 1.90 -8.56 -0.47
C ALA A 22 0.50 -9.17 -0.38
N TRP A 23 0.38 -10.44 -0.01
CA TRP A 23 -0.93 -11.10 -0.10
C TRP A 23 -2.06 -10.40 0.65
N PRO A 24 -1.88 -9.72 1.79
CA PRO A 24 -3.01 -9.05 2.41
C PRO A 24 -3.44 -7.77 1.71
N PHE A 25 -2.65 -7.25 0.78
CA PHE A 25 -2.91 -5.91 0.28
C PHE A 25 -3.19 -5.86 -1.21
N LEU A 26 -3.40 -7.00 -1.87
CA LEU A 26 -3.62 -6.97 -3.30
C LEU A 26 -5.04 -6.53 -3.68
N GLU A 27 -5.97 -6.51 -2.73
CA GLU A 27 -7.34 -6.15 -3.01
C GLU A 27 -7.91 -5.48 -1.77
N PRO A 28 -8.95 -4.64 -1.92
CA PRO A 28 -9.53 -3.98 -0.76
C PRO A 28 -10.03 -4.98 0.27
N VAL A 29 -9.93 -4.59 1.53
CA VAL A 29 -10.55 -5.38 2.58
C VAL A 29 -12.05 -5.39 2.38
N ASN A 30 -12.65 -6.56 2.49
CA ASN A 30 -14.08 -6.72 2.41
C ASN A 30 -14.67 -6.58 3.81
N PRO A 31 -15.32 -5.45 4.12
CA PRO A 31 -15.79 -5.23 5.50
C PRO A 31 -16.89 -6.20 5.94
N ARG A 32 -17.60 -6.82 5.00
CA ARG A 32 -18.52 -7.90 5.36
C ARG A 32 -17.80 -9.07 6.03
N LEU A 33 -16.52 -9.25 5.71
CA LEU A 33 -15.74 -10.37 6.22
C LEU A 33 -14.88 -10.02 7.43
N VAL A 34 -14.75 -8.73 7.76
CA VAL A 34 -13.83 -8.29 8.80
C VAL A 34 -14.63 -7.44 9.78
N SER A 35 -15.08 -8.07 10.87
CA SER A 35 -15.83 -7.34 11.89
C SER A 35 -14.98 -6.20 12.42
N GLY A 36 -15.57 -5.00 12.39
CA GLY A 36 -14.95 -3.80 12.94
C GLY A 36 -14.21 -2.94 11.93
N TYR A 37 -14.01 -3.41 10.70
CA TYR A 37 -13.10 -2.71 9.80
C TYR A 37 -13.64 -1.33 9.43
N ARG A 38 -14.91 -1.28 9.03
CA ARG A 38 -15.54 -0.03 8.62
C ARG A 38 -15.55 0.98 9.74
N ARG A 39 -15.82 0.53 10.97
CA ARG A 39 -15.85 1.43 12.11
C ARG A 39 -14.46 2.01 12.41
N ILE A 40 -13.39 1.27 12.13
CA ILE A 40 -12.06 1.64 12.61
C ILE A 40 -11.21 2.30 11.52
N ILE A 41 -11.34 1.88 10.27
CA ILE A 41 -10.49 2.39 9.19
C ILE A 41 -11.31 3.39 8.39
N LYS A 42 -11.02 4.68 8.57
CA LYS A 42 -11.77 5.71 7.85
C LYS A 42 -11.45 5.74 6.36
N ASN A 43 -10.18 5.53 5.98
CA ASN A 43 -9.74 5.73 4.59
C ASN A 43 -9.05 4.49 4.08
N PRO A 44 -9.81 3.50 3.62
CA PRO A 44 -9.18 2.25 3.18
C PRO A 44 -8.31 2.48 1.95
N MET A 45 -7.33 1.61 1.77
CA MET A 45 -6.44 1.70 0.64
C MET A 45 -5.78 0.36 0.43
N ASP A 46 -5.46 0.04 -0.83
CA ASP A 46 -4.83 -1.23 -1.16
C ASP A 46 -4.06 -1.07 -2.46
N PHE A 47 -3.29 -2.11 -2.83
CA PHE A 47 -2.39 -1.99 -3.98
C PHE A 47 -3.15 -1.92 -5.30
N SER A 48 -4.29 -2.61 -5.40
CA SER A 48 -5.00 -2.59 -6.68
C SER A 48 -5.75 -1.27 -6.87
N THR A 49 -6.18 -0.64 -5.78
CA THR A 49 -6.66 0.74 -5.87
C THR A 49 -5.56 1.67 -6.33
N MET A 50 -4.33 1.48 -5.84
CA MET A 50 -3.22 2.28 -6.34
C MET A 50 -2.93 1.98 -7.81
N ARG A 51 -3.00 0.70 -8.18
CA ARG A 51 -2.81 0.32 -9.58
C ARG A 51 -3.84 0.98 -10.48
N HIS A 52 -5.11 0.86 -10.09
CA HIS A 52 -6.18 1.47 -10.87
C HIS A 52 -5.97 2.98 -10.98
N ARG A 53 -5.58 3.64 -9.89
CA ARG A 53 -5.40 5.08 -9.96
C ARG A 53 -4.17 5.43 -10.81
N LEU A 54 -3.11 4.63 -10.70
CA LEU A 54 -1.94 4.88 -11.54
C LEU A 54 -2.27 4.68 -13.01
N SER A 55 -3.09 3.67 -13.33
CA SER A 55 -3.42 3.34 -14.72
C SER A 55 -4.14 4.48 -15.43
N ARG A 56 -4.99 5.22 -14.72
CA ARG A 56 -5.68 6.33 -15.35
C ARG A 56 -4.97 7.67 -15.15
N GLY A 57 -3.74 7.65 -14.65
CA GLY A 57 -2.96 8.86 -14.49
C GLY A 57 -3.31 9.71 -13.29
N GLY A 58 -4.16 9.21 -12.39
CA GLY A 58 -4.68 9.98 -11.27
C GLY A 58 -3.67 10.46 -10.24
N TYR A 59 -2.41 10.06 -10.38
CA TYR A 59 -1.33 10.56 -9.53
C TYR A 59 -0.61 11.68 -10.25
N THR A 60 -0.67 12.89 -9.69
CA THR A 60 0.01 14.03 -10.31
C THR A 60 1.48 14.09 -9.95
N SER A 61 1.85 13.61 -8.77
CA SER A 61 3.24 13.62 -8.33
C SER A 61 3.52 12.33 -7.59
N SER A 62 4.81 12.00 -7.49
CA SER A 62 5.20 10.82 -6.74
C SER A 62 4.91 10.94 -5.25
N GLU A 63 4.79 12.17 -4.73
CA GLU A 63 4.47 12.32 -3.32
C GLU A 63 3.06 11.87 -3.01
N GLU A 64 2.12 12.03 -3.95
CA GLU A 64 0.77 11.51 -3.74
C GLU A 64 0.77 9.99 -3.71
N PHE A 65 1.50 9.37 -4.65
CA PHE A 65 1.61 7.92 -4.68
C PHE A 65 2.13 7.40 -3.34
N ALA A 66 3.19 8.00 -2.83
CA ALA A 66 3.74 7.57 -1.55
C ALA A 66 2.72 7.73 -0.43
N ALA A 67 1.91 8.79 -0.51
CA ALA A 67 0.89 8.99 0.51
C ALA A 67 -0.09 7.84 0.55
N ASP A 68 -0.50 7.34 -0.61
CA ASP A 68 -1.41 6.18 -0.61
C ASP A 68 -0.72 4.95 -0.07
N ALA A 69 0.54 4.72 -0.48
CA ALA A 69 1.28 3.57 0.02
C ALA A 69 1.38 3.61 1.54
N LEU A 70 1.70 4.78 2.10
CA LEU A 70 1.84 4.86 3.55
C LEU A 70 0.53 4.57 4.23
N LEU A 71 -0.58 4.95 3.59
CA LEU A 71 -1.89 4.71 4.17
C LEU A 71 -2.18 3.22 4.27
N VAL A 72 -1.74 2.44 3.28
CA VAL A 72 -1.94 0.99 3.33
C VAL A 72 -1.36 0.44 4.63
N PHE A 73 -0.17 0.89 4.99
CA PHE A 73 0.56 0.35 6.13
C PHE A 73 0.15 0.99 7.44
N ASP A 74 -0.26 2.26 7.42
CA ASP A 74 -0.87 2.85 8.61
C ASP A 74 -2.18 2.13 8.95
N ASN A 75 -3.07 1.94 7.96
CA ASN A 75 -4.30 1.19 8.22
C ASN A 75 -3.98 -0.19 8.77
N CYS A 76 -2.95 -0.83 8.18
CA CYS A 76 -2.53 -2.17 8.61
C CYS A 76 -2.11 -2.19 10.08
N GLN A 77 -1.22 -1.26 10.47
CA GLN A 77 -0.84 -1.16 11.88
C GLN A 77 -1.97 -0.66 12.77
N THR A 78 -2.95 0.07 12.22
CA THR A 78 -4.08 0.50 13.03
C THR A 78 -4.97 -0.68 13.39
N PHE A 79 -5.20 -1.58 12.44
CA PHE A 79 -6.20 -2.61 12.65
C PHE A 79 -5.63 -3.93 13.16
N ASN A 80 -4.44 -4.33 12.74
CA ASN A 80 -3.88 -5.64 13.08
C ASN A 80 -2.75 -5.52 14.09
N GLU A 81 -2.72 -6.46 15.03
CA GLU A 81 -1.61 -6.61 15.95
C GLU A 81 -0.29 -6.79 15.21
N ASP A 82 0.77 -6.22 15.76
CA ASP A 82 2.11 -6.38 15.18
C ASP A 82 2.50 -7.84 15.05
N ASP A 83 2.02 -8.71 15.93
CA ASP A 83 2.41 -10.12 15.87
C ASP A 83 1.39 -10.99 15.14
N SER A 84 0.37 -10.37 14.51
CA SER A 84 -0.53 -11.15 13.67
C SER A 84 0.12 -11.42 12.32
N GLU A 85 -0.46 -12.37 11.57
CA GLU A 85 0.05 -12.68 10.23
C GLU A 85 -0.05 -11.49 9.30
N VAL A 86 -1.16 -10.76 9.34
CA VAL A 86 -1.29 -9.58 8.49
C VAL A 86 -0.36 -8.49 9.01
N GLY A 87 -0.30 -8.31 10.33
CA GLY A 87 0.63 -7.34 10.88
C GLY A 87 2.06 -7.60 10.44
N LYS A 88 2.52 -8.85 10.59
CA LYS A 88 3.90 -9.19 10.22
C LYS A 88 4.17 -8.93 8.74
N ALA A 89 3.21 -9.27 7.88
CA ALA A 89 3.40 -8.99 6.46
C ALA A 89 3.44 -7.49 6.17
N GLY A 90 2.62 -6.71 6.88
CA GLY A 90 2.64 -5.27 6.67
C GLY A 90 3.96 -4.65 7.05
N HIS A 91 4.59 -5.16 8.10
CA HIS A 91 5.90 -4.64 8.50
C HIS A 91 6.94 -4.92 7.43
N ILE A 92 6.94 -6.15 6.91
CA ILE A 92 7.82 -6.49 5.79
C ILE A 92 7.52 -5.60 4.60
N MET A 93 6.24 -5.42 4.26
CA MET A 93 5.94 -4.59 3.09
C MET A 93 6.28 -3.12 3.35
N ARG A 94 6.00 -2.65 4.57
CA ARG A 94 6.32 -1.27 4.91
C ARG A 94 7.81 -1.00 4.74
N ARG A 95 8.65 -1.85 5.36
CA ARG A 95 10.08 -1.65 5.29
C ARG A 95 10.58 -1.76 3.84
N PHE A 96 10.01 -2.69 3.08
CA PHE A 96 10.33 -2.77 1.66
C PHE A 96 10.06 -1.45 0.96
N PHE A 97 8.88 -0.88 1.17
CA PHE A 97 8.56 0.36 0.49
C PHE A 97 9.50 1.48 0.92
N GLU A 98 9.74 1.59 2.22
CA GLU A 98 10.55 2.69 2.73
C GLU A 98 11.96 2.62 2.16
N SER A 99 12.55 1.43 2.18
CA SER A 99 13.92 1.29 1.68
C SER A 99 13.96 1.50 0.17
N ARG A 100 12.92 1.05 -0.54
CA ARG A 100 12.89 1.24 -1.98
C ARG A 100 12.60 2.68 -2.35
N TRP A 101 11.86 3.39 -1.49
CA TRP A 101 11.55 4.78 -1.76
C TRP A 101 12.80 5.66 -1.68
N GLU A 102 13.62 5.46 -0.65
CA GLU A 102 14.82 6.28 -0.52
C GLU A 102 15.90 5.88 -1.52
N GLU A 103 15.82 4.67 -2.09
CA GLU A 103 16.75 4.32 -3.16
C GLU A 103 16.49 5.10 -4.44
N PHE A 104 15.54 6.02 -4.44
CA PHE A 104 15.41 7.02 -5.50
C PHE A 104 15.57 8.43 -4.97
N TYR A 105 14.81 8.79 -3.94
CA TYR A 105 14.75 10.14 -3.43
C TYR A 105 15.51 10.28 -2.10
#